data_6UIM
#
_entry.id   6UIM
#
_cell.length_a   80.871
_cell.length_b   80.871
_cell.length_c   241.540
_cell.angle_alpha   90.000
_cell.angle_beta   90.000
_cell.angle_gamma   120.000
#
_symmetry.space_group_name_H-M   'P 31 2 1'
#
loop_
_entity.id
_entity.type
_entity.pdbx_description
1 polymer 'Polyamine deacetylase HDAC10'
2 non-polymer 7-[(3-aminopropyl)amino]-1-sulfanylheptan-2-one
3 non-polymer 'ZINC ION'
4 non-polymer 'PHOSPHATE ION'
5 non-polymer 'POTASSIUM ION'
6 water water
#
_entity_poly.entity_id   1
_entity_poly.type   'polypeptide(L)'
_entity_poly.pdbx_seq_one_letter_code
;AASGSALIFDEEMSRYKLLWTDPACEIEVPERLTVSYEALRTHGLAQRCKAVPVRQATEQEILLAHSEEYLEAVKQTPGM
NVEELMAFSKKYNDVYFHQNIYHCAKLAAGATLQLVDSVMKREVRNGMALVRPPGHHSQRSAANGFCVFNNVAFAALYAK
KNYNLNRILIVDWDVHHGQGIQYCFEEDPSVLYFSWHRYEHQSFWPNLPESDYSSVGKGKGSGFNINLPWNKVGMTNSDY
LAAFFHVLLPVAYEFDPELVIVSAGFDSAIGDPEGEMCALPEIFAHLTHLLMPLAAGKMCVVLEGGYNLTSLGQSVCQTV
HSLLGDPTPRISGLGTACDSALESIQNVRNVQSSYWSSFKHLAQSETNPKRPRLDATNGGPKESSEPASESNPKKTAQDI
VWPEPLKRMPASVRTVVVPPPGVELTLPKNCQHSGDISESTAKEVQRIRDKHFHDLTDQNILRSLGNIISVLDRMMRSDE
VCNGCVVVSDLSVSVQCALQHALTEPAERVLVVYVGDGELPVKTNDGKVFLVQICTKETEDKCVNRLTLCLREGESLTAG
FMQALLGLILPVAYEFNPALVLGIVEETAAKTRLMRVWGHMTCLIQGLARGRMLTLLQGYDKDLLELTVSALSGASISPL
GPLRAPKPEDVEMMEKQRQRLQERWGLLRCTVSESW
;
_entity_poly.pdbx_strand_id   A
#
# COMPACT_ATOMS: atom_id res chain seq x y z
N ALA A 1 -1.99 9.91 -18.03
CA ALA A 1 -2.57 9.62 -19.34
C ALA A 1 -3.25 8.26 -19.34
N ALA A 2 -3.41 7.68 -18.14
CA ALA A 2 -4.09 6.40 -17.97
C ALA A 2 -5.11 6.54 -16.85
N SER A 3 -6.28 5.92 -17.03
CA SER A 3 -7.36 6.05 -16.06
C SER A 3 -8.14 4.73 -15.98
N GLY A 4 -8.89 4.59 -14.89
CA GLY A 4 -9.75 3.44 -14.68
C GLY A 4 -9.02 2.26 -14.07
N SER A 5 -9.81 1.28 -13.66
CA SER A 5 -9.29 0.06 -13.05
C SER A 5 -10.01 -1.14 -13.66
N ALA A 6 -9.25 -2.19 -13.97
CA ALA A 6 -9.81 -3.38 -14.59
C ALA A 6 -10.29 -4.37 -13.55
N LEU A 7 -11.47 -4.94 -13.78
CA LEU A 7 -12.01 -6.03 -12.96
C LEU A 7 -12.21 -7.23 -13.87
N ILE A 8 -11.33 -8.22 -13.77
CA ILE A 8 -11.41 -9.42 -14.59
C ILE A 8 -12.02 -10.53 -13.75
N PHE A 9 -13.16 -11.05 -14.19
CA PHE A 9 -13.88 -12.08 -13.47
C PHE A 9 -14.72 -12.86 -14.47
N ASP A 10 -14.98 -14.13 -14.17
CA ASP A 10 -15.86 -14.95 -14.98
C ASP A 10 -16.50 -16.02 -14.10
N GLU A 11 -17.80 -16.23 -14.30
CA GLU A 11 -18.52 -17.22 -13.50
C GLU A 11 -18.05 -18.64 -13.76
N GLU A 12 -17.33 -18.87 -14.86
CA GLU A 12 -16.94 -20.24 -15.22
C GLU A 12 -15.90 -20.80 -14.25
N MET A 13 -15.08 -19.93 -13.66
CA MET A 13 -14.08 -20.37 -12.69
C MET A 13 -14.69 -20.78 -11.36
N SER A 14 -16.00 -20.65 -11.19
CA SER A 14 -16.69 -21.19 -10.02
C SER A 14 -17.42 -22.48 -10.34
N ARG A 15 -17.04 -23.17 -11.41
CA ARG A 15 -17.70 -24.39 -11.85
C ARG A 15 -16.75 -25.59 -11.75
N TYR A 16 -16.02 -25.66 -10.64
CA TYR A 16 -15.27 -26.85 -10.27
C TYR A 16 -15.29 -26.93 -8.74
N LYS A 17 -15.54 -28.13 -8.22
CA LYS A 17 -15.71 -28.35 -6.79
C LYS A 17 -14.80 -29.47 -6.32
N LEU A 18 -14.68 -29.57 -5.00
CA LEU A 18 -14.13 -30.77 -4.38
C LEU A 18 -15.22 -31.82 -4.26
N LEU A 19 -14.97 -33.01 -4.81
CA LEU A 19 -15.96 -34.08 -4.85
C LEU A 19 -15.92 -34.96 -3.60
N TRP A 20 -14.76 -35.55 -3.31
CA TRP A 20 -14.63 -36.43 -2.15
C TRP A 20 -14.48 -35.62 -0.86
N THR A 21 -14.44 -36.34 0.26
CA THR A 21 -14.28 -35.70 1.57
C THR A 21 -12.80 -35.49 1.86
N ASP A 22 -12.44 -34.25 2.15
CA ASP A 22 -11.04 -33.88 2.35
C ASP A 22 -11.02 -32.65 3.25
N PRO A 23 -10.85 -32.85 4.56
CA PRO A 23 -10.96 -31.72 5.49
C PRO A 23 -9.95 -30.61 5.20
N ALA A 24 -8.85 -30.91 4.51
CA ALA A 24 -7.85 -29.89 4.22
C ALA A 24 -8.31 -28.97 3.10
N CYS A 25 -9.15 -29.47 2.18
CA CYS A 25 -9.54 -28.75 0.98
C CYS A 25 -10.95 -28.20 1.05
N GLU A 26 -11.72 -28.59 2.09
CA GLU A 26 -13.13 -28.22 2.17
C GLU A 26 -13.35 -26.72 2.21
N ILE A 27 -12.34 -25.94 2.62
CA ILE A 27 -12.52 -24.50 2.68
C ILE A 27 -12.48 -23.86 1.31
N GLU A 28 -11.87 -24.51 0.31
CA GLU A 28 -11.70 -23.93 -1.03
C GLU A 28 -12.93 -24.27 -1.87
N VAL A 29 -13.97 -23.45 -1.73
CA VAL A 29 -15.26 -23.71 -2.36
C VAL A 29 -15.50 -22.68 -3.46
N PRO A 30 -16.30 -23.00 -4.49
CA PRO A 30 -16.57 -22.02 -5.56
C PRO A 30 -17.29 -20.77 -5.07
N GLU A 31 -17.97 -20.84 -3.93
CA GLU A 31 -18.66 -19.69 -3.38
C GLU A 31 -17.70 -18.51 -3.15
N ARG A 32 -16.41 -18.79 -2.90
CA ARG A 32 -15.45 -17.71 -2.70
C ARG A 32 -15.50 -16.72 -3.86
N LEU A 33 -15.74 -17.21 -5.07
CA LEU A 33 -15.75 -16.34 -6.24
C LEU A 33 -17.07 -15.58 -6.37
N THR A 34 -18.19 -16.23 -6.04
CA THR A 34 -19.48 -15.57 -6.14
C THR A 34 -19.67 -14.50 -5.07
N VAL A 35 -19.31 -14.81 -3.82
CA VAL A 35 -19.43 -13.84 -2.74
C VAL A 35 -18.55 -12.61 -2.99
N SER A 36 -17.39 -12.79 -3.62
CA SER A 36 -16.49 -11.66 -3.81
C SER A 36 -17.01 -10.73 -4.90
N TYR A 37 -17.54 -11.30 -5.99
CA TYR A 37 -18.09 -10.45 -7.03
C TYR A 37 -19.40 -9.80 -6.59
N GLU A 38 -20.25 -10.57 -5.88
CA GLU A 38 -21.52 -10.01 -5.43
C GLU A 38 -21.33 -8.88 -4.43
N ALA A 39 -20.28 -8.97 -3.61
CA ALA A 39 -19.98 -7.87 -2.69
C ALA A 39 -19.54 -6.63 -3.47
N LEU A 40 -18.79 -6.83 -4.56
CA LEU A 40 -18.40 -5.71 -5.39
C LEU A 40 -19.59 -5.12 -6.13
N ARG A 41 -20.57 -5.95 -6.49
CA ARG A 41 -21.77 -5.45 -7.15
C ARG A 41 -22.65 -4.67 -6.18
N THR A 42 -22.74 -5.13 -4.93
CA THR A 42 -23.62 -4.48 -3.97
C THR A 42 -23.11 -3.08 -3.61
N HIS A 43 -21.80 -2.90 -3.50
CA HIS A 43 -21.22 -1.63 -3.11
C HIS A 43 -20.94 -0.72 -4.30
N GLY A 44 -21.43 -1.08 -5.48
CA GLY A 44 -21.24 -0.25 -6.66
C GLY A 44 -19.82 -0.17 -7.16
N LEU A 45 -18.96 -1.13 -6.79
CA LEU A 45 -17.57 -1.12 -7.20
C LEU A 45 -17.36 -1.83 -8.53
N ALA A 46 -17.92 -3.05 -8.66
CA ALA A 46 -17.77 -3.79 -9.91
C ALA A 46 -18.25 -2.98 -11.11
N GLN A 47 -19.38 -2.26 -10.95
CA GLN A 47 -19.90 -1.43 -12.02
C GLN A 47 -19.01 -0.23 -12.32
N ARG A 48 -18.05 0.08 -11.46
CA ARG A 48 -17.17 1.23 -11.63
C ARG A 48 -15.83 0.87 -12.25
N CYS A 49 -15.57 -0.42 -12.48
CA CYS A 49 -14.31 -0.88 -13.06
C CYS A 49 -14.51 -1.36 -14.48
N LYS A 50 -13.52 -1.09 -15.32
CA LYS A 50 -13.52 -1.54 -16.72
C LYS A 50 -13.42 -3.07 -16.76
N ALA A 51 -14.54 -3.74 -17.07
CA ALA A 51 -14.52 -5.19 -17.18
C ALA A 51 -13.73 -5.63 -18.40
N VAL A 52 -12.95 -6.69 -18.24
CA VAL A 52 -12.09 -7.24 -19.28
C VAL A 52 -12.41 -8.70 -19.43
N PRO A 53 -12.71 -9.19 -20.63
CA PRO A 53 -13.07 -10.60 -20.80
C PRO A 53 -11.91 -11.52 -20.45
N VAL A 54 -12.24 -12.72 -20.00
CA VAL A 54 -11.27 -13.73 -19.62
C VAL A 54 -10.90 -14.54 -20.86
N ARG A 55 -9.60 -14.75 -21.07
CA ARG A 55 -9.09 -15.62 -22.11
C ARG A 55 -8.42 -16.83 -21.50
N GLN A 56 -8.17 -17.84 -22.34
CA GLN A 56 -7.36 -18.98 -21.94
C GLN A 56 -5.89 -18.66 -22.18
N ALA A 57 -5.05 -19.04 -21.21
CA ALA A 57 -3.62 -18.95 -21.43
C ALA A 57 -3.19 -20.06 -22.38
N THR A 58 -2.31 -19.71 -23.32
CA THR A 58 -1.86 -20.67 -24.31
C THR A 58 -0.91 -21.69 -23.68
N GLU A 59 -0.61 -22.74 -24.45
CA GLU A 59 0.31 -23.77 -23.96
C GLU A 59 1.70 -23.19 -23.72
N GLN A 60 2.15 -22.27 -24.58
CA GLN A 60 3.49 -21.71 -24.43
C GLN A 60 3.55 -20.74 -23.26
N GLU A 61 2.45 -20.02 -23.01
CA GLU A 61 2.43 -19.13 -21.85
C GLU A 61 2.48 -19.90 -20.54
N ILE A 62 1.89 -21.09 -20.51
CA ILE A 62 1.96 -21.92 -19.31
C ILE A 62 3.34 -22.53 -19.16
N LEU A 63 3.97 -22.93 -20.28
CA LEU A 63 5.31 -23.46 -20.23
C LEU A 63 6.36 -22.43 -19.79
N LEU A 64 5.98 -21.17 -19.61
CA LEU A 64 6.93 -20.18 -19.09
C LEU A 64 7.41 -20.55 -17.70
N ALA A 65 6.52 -21.12 -16.89
CA ALA A 65 6.83 -21.44 -15.50
C ALA A 65 6.61 -22.89 -15.16
N HIS A 66 6.23 -23.73 -16.11
CA HIS A 66 5.99 -25.13 -15.85
C HIS A 66 6.63 -25.98 -16.93
N SER A 67 6.67 -27.28 -16.67
CA SER A 67 7.30 -28.24 -17.56
C SER A 67 6.25 -28.96 -18.39
N GLU A 68 6.67 -29.44 -19.56
CA GLU A 68 5.74 -30.15 -20.43
C GLU A 68 5.22 -31.43 -19.79
N GLU A 69 6.06 -32.12 -19.00
CA GLU A 69 5.62 -33.37 -18.40
C GLU A 69 4.46 -33.15 -17.43
N TYR A 70 4.53 -32.07 -16.65
CA TYR A 70 3.46 -31.78 -15.68
C TYR A 70 2.25 -31.15 -16.35
N LEU A 71 2.46 -30.33 -17.38
CA LEU A 71 1.32 -29.82 -18.12
C LEU A 71 0.56 -30.95 -18.79
N GLU A 72 1.28 -31.88 -19.45
CA GLU A 72 0.62 -33.03 -20.05
C GLU A 72 -0.10 -33.88 -18.99
N ALA A 73 0.44 -33.93 -17.78
CA ALA A 73 -0.24 -34.66 -16.71
C ALA A 73 -1.59 -34.04 -16.39
N VAL A 74 -1.62 -32.70 -16.26
CA VAL A 74 -2.87 -32.02 -15.97
C VAL A 74 -3.79 -32.04 -17.19
N LYS A 75 -3.20 -31.99 -18.40
CA LYS A 75 -4.00 -31.97 -19.61
C LYS A 75 -4.90 -33.19 -19.75
N GLN A 76 -4.58 -34.28 -19.05
CA GLN A 76 -5.36 -35.52 -19.13
C GLN A 76 -6.35 -35.64 -17.99
N THR A 77 -6.52 -34.60 -17.18
CA THR A 77 -7.50 -34.67 -16.10
C THR A 77 -8.96 -34.62 -16.56
N PRO A 78 -9.35 -33.79 -17.55
CA PRO A 78 -10.78 -33.72 -17.90
C PRO A 78 -11.37 -35.02 -18.40
N GLY A 79 -10.55 -36.02 -18.73
CA GLY A 79 -11.03 -37.33 -19.12
C GLY A 79 -11.09 -38.33 -18.00
N MET A 80 -10.88 -37.93 -16.75
CA MET A 80 -10.79 -38.84 -15.62
C MET A 80 -12.13 -38.90 -14.88
N ASN A 81 -12.44 -40.08 -14.37
CA ASN A 81 -13.60 -40.28 -13.51
C ASN A 81 -13.17 -40.18 -12.05
N VAL A 82 -14.17 -39.94 -11.19
CA VAL A 82 -13.93 -39.57 -9.79
C VAL A 82 -12.86 -40.44 -9.14
N GLU A 83 -12.84 -41.74 -9.45
CA GLU A 83 -11.79 -42.60 -8.92
C GLU A 83 -10.41 -42.18 -9.42
N GLU A 84 -10.32 -41.72 -10.67
CA GLU A 84 -9.02 -41.39 -11.24
C GLU A 84 -8.52 -40.02 -10.78
N LEU A 85 -9.40 -39.04 -10.56
CA LEU A 85 -8.91 -37.75 -10.09
C LEU A 85 -8.55 -37.79 -8.62
N MET A 86 -9.18 -38.67 -7.84
CA MET A 86 -8.79 -38.81 -6.45
C MET A 86 -7.38 -39.38 -6.31
N ALA A 87 -6.99 -40.28 -7.21
CA ALA A 87 -5.64 -40.82 -7.21
C ALA A 87 -4.63 -39.81 -7.72
N PHE A 88 -5.00 -39.05 -8.76
CA PHE A 88 -4.07 -38.07 -9.33
C PHE A 88 -3.74 -36.96 -8.34
N SER A 89 -4.70 -36.61 -7.47
CA SER A 89 -4.50 -35.57 -6.48
C SER A 89 -3.83 -36.07 -5.20
N LYS A 90 -3.94 -37.37 -4.92
CA LYS A 90 -3.18 -37.96 -3.83
C LYS A 90 -1.69 -37.91 -4.09
N LYS A 91 -1.28 -37.83 -5.37
CA LYS A 91 0.12 -37.66 -5.73
C LYS A 91 0.67 -36.29 -5.32
N TYR A 92 -0.16 -35.38 -4.84
CA TYR A 92 0.27 -34.04 -4.46
C TYR A 92 -0.24 -33.75 -3.06
N ASN A 93 0.08 -32.55 -2.57
CA ASN A 93 -0.15 -32.18 -1.18
C ASN A 93 -1.21 -31.10 -1.12
N ASP A 94 -2.37 -31.45 -0.56
CA ASP A 94 -3.45 -30.50 -0.27
C ASP A 94 -4.00 -29.85 -1.53
N VAL A 95 -4.35 -30.68 -2.51
CA VAL A 95 -4.96 -30.18 -3.74
C VAL A 95 -5.93 -31.23 -4.27
N TYR A 96 -7.03 -30.77 -4.86
CA TYR A 96 -8.00 -31.63 -5.49
C TYR A 96 -8.15 -31.23 -6.95
N PHE A 97 -8.44 -32.22 -7.79
CA PHE A 97 -8.64 -32.02 -9.21
C PHE A 97 -10.09 -32.32 -9.58
N HIS A 98 -10.64 -31.49 -10.46
CA HIS A 98 -12.00 -31.61 -10.97
C HIS A 98 -11.94 -31.83 -12.47
N GLN A 99 -13.05 -32.31 -13.03
CA GLN A 99 -13.12 -32.50 -14.48
CA GLN A 99 -13.12 -32.50 -14.48
C GLN A 99 -12.96 -31.19 -15.23
N ASN A 100 -13.34 -30.08 -14.61
CA ASN A 100 -13.26 -28.76 -15.22
C ASN A 100 -12.08 -27.93 -14.71
N ILE A 101 -11.27 -28.45 -13.79
CA ILE A 101 -10.27 -27.61 -13.14
C ILE A 101 -9.17 -27.19 -14.13
N TYR A 102 -8.78 -28.10 -15.04
CA TYR A 102 -7.79 -27.73 -16.04
C TYR A 102 -8.30 -26.57 -16.91
N HIS A 103 -9.59 -26.59 -17.25
CA HIS A 103 -10.17 -25.50 -18.03
C HIS A 103 -10.08 -24.18 -17.27
N CYS A 104 -10.54 -24.17 -16.02
CA CYS A 104 -10.55 -22.93 -15.23
C CYS A 104 -9.16 -22.47 -14.86
N ALA A 105 -8.23 -23.41 -14.65
CA ALA A 105 -6.86 -23.03 -14.32
C ALA A 105 -6.24 -22.24 -15.47
N LYS A 106 -6.50 -22.65 -16.71
CA LYS A 106 -6.06 -21.87 -17.87
C LYS A 106 -6.79 -20.55 -17.97
N LEU A 107 -8.01 -20.47 -17.44
CA LEU A 107 -8.70 -19.19 -17.36
C LEU A 107 -8.09 -18.30 -16.28
N ALA A 108 -7.79 -18.87 -15.11
CA ALA A 108 -7.12 -18.10 -14.05
C ALA A 108 -5.78 -17.57 -14.54
N ALA A 109 -5.04 -18.38 -15.30
CA ALA A 109 -3.79 -17.91 -15.88
C ALA A 109 -4.04 -16.83 -16.92
N GLY A 110 -4.95 -17.08 -17.86
CA GLY A 110 -5.22 -16.10 -18.90
C GLY A 110 -5.78 -14.80 -18.36
N ALA A 111 -6.68 -14.90 -17.37
CA ALA A 111 -7.23 -13.70 -16.75
C ALA A 111 -6.13 -12.84 -16.16
N THR A 112 -5.13 -13.46 -15.51
CA THR A 112 -4.01 -12.71 -14.96
C THR A 112 -3.22 -12.04 -16.06
N LEU A 113 -2.83 -12.79 -17.09
CA LEU A 113 -2.05 -12.21 -18.18
C LEU A 113 -2.82 -11.08 -18.85
N GLN A 114 -4.13 -11.22 -18.99
CA GLN A 114 -4.94 -10.15 -19.56
C GLN A 114 -4.96 -8.93 -18.67
N LEU A 115 -4.79 -9.11 -17.36
CA LEU A 115 -4.67 -7.96 -16.47
C LEU A 115 -3.35 -7.24 -16.67
N VAL A 116 -2.27 -7.97 -16.95
CA VAL A 116 -0.98 -7.33 -17.17
C VAL A 116 -1.00 -6.53 -18.46
N ASP A 117 -1.59 -7.12 -19.52
CA ASP A 117 -1.72 -6.40 -20.79
C ASP A 117 -2.50 -5.11 -20.60
N SER A 118 -3.63 -5.17 -19.91
CA SER A 118 -4.44 -3.97 -19.70
C SER A 118 -3.67 -2.89 -18.97
N VAL A 119 -2.89 -3.27 -17.95
CA VAL A 119 -2.18 -2.28 -17.14
C VAL A 119 -0.93 -1.78 -17.85
N MET A 120 -0.20 -2.67 -18.52
CA MET A 120 1.04 -2.28 -19.18
C MET A 120 0.78 -1.51 -20.48
N LYS A 121 -0.31 -1.80 -21.18
CA LYS A 121 -0.70 -1.02 -22.37
C LYS A 121 -1.34 0.32 -22.02
N ARG A 122 -1.33 0.71 -20.74
CA ARG A 122 -1.90 1.96 -20.26
C ARG A 122 -3.39 2.08 -20.58
N GLU A 123 -4.06 0.95 -20.78
CA GLU A 123 -5.51 0.98 -21.01
C GLU A 123 -6.27 1.26 -19.72
N VAL A 124 -5.72 0.82 -18.57
CA VAL A 124 -6.24 1.15 -17.25
C VAL A 124 -5.05 1.47 -16.36
N ARG A 125 -5.35 2.03 -15.18
CA ARG A 125 -4.29 2.43 -14.26
C ARG A 125 -3.83 1.24 -13.40
N ASN A 126 -4.78 0.49 -12.85
CA ASN A 126 -4.52 -0.69 -12.06
C ASN A 126 -5.66 -1.67 -12.31
N GLY A 127 -5.66 -2.78 -11.58
CA GLY A 127 -6.72 -3.75 -11.79
C GLY A 127 -6.64 -4.91 -10.82
N MET A 128 -7.75 -5.63 -10.73
CA MET A 128 -7.86 -6.83 -9.92
C MET A 128 -8.51 -7.94 -10.74
N ALA A 129 -8.05 -9.17 -10.52
CA ALA A 129 -8.55 -10.33 -11.24
C ALA A 129 -9.06 -11.36 -10.22
N LEU A 130 -10.38 -11.46 -10.08
CA LEU A 130 -10.97 -12.49 -9.22
C LEU A 130 -10.87 -13.82 -9.95
N VAL A 131 -9.90 -14.64 -9.56
CA VAL A 131 -9.60 -15.88 -10.26
C VAL A 131 -9.75 -17.06 -9.31
N ARG A 132 -9.69 -18.25 -9.88
CA ARG A 132 -9.80 -19.52 -9.18
C ARG A 132 -9.44 -20.62 -10.16
N PRO A 133 -8.54 -21.54 -9.79
CA PRO A 133 -7.83 -21.72 -8.51
C PRO A 133 -6.68 -20.72 -8.32
N PRO A 134 -6.11 -20.66 -7.09
CA PRO A 134 -4.99 -19.74 -6.85
C PRO A 134 -3.72 -20.25 -7.50
N GLY A 135 -2.57 -19.65 -7.16
CA GLY A 135 -1.36 -19.96 -7.89
C GLY A 135 -0.07 -20.09 -7.11
N HIS A 136 0.12 -19.29 -6.05
CA HIS A 136 1.45 -19.09 -5.49
C HIS A 136 2.06 -20.34 -4.86
N HIS A 137 1.31 -21.44 -4.72
CA HIS A 137 1.89 -22.66 -4.19
C HIS A 137 2.30 -23.65 -5.28
N SER A 138 1.78 -23.52 -6.49
CA SER A 138 2.15 -24.44 -7.55
C SER A 138 3.56 -24.14 -8.04
N GLN A 139 4.26 -25.19 -8.48
CA GLN A 139 5.65 -25.04 -8.92
C GLN A 139 5.86 -25.63 -10.30
N ARG A 140 7.12 -25.78 -10.72
N ARG A 140 7.12 -25.75 -10.73
CA ARG A 140 7.43 -26.10 -12.11
CA ARG A 140 7.40 -26.10 -12.12
C ARG A 140 6.84 -27.44 -12.54
C ARG A 140 6.72 -27.40 -12.53
N SER A 141 6.65 -28.37 -11.61
CA SER A 141 6.06 -29.66 -11.95
C SER A 141 5.30 -30.26 -10.78
N ALA A 142 4.54 -29.42 -10.07
CA ALA A 142 3.75 -29.92 -8.97
C ALA A 142 2.58 -28.98 -8.72
N ALA A 143 1.43 -29.58 -8.41
CA ALA A 143 0.25 -28.86 -7.96
C ALA A 143 0.21 -28.94 -6.44
N ASN A 144 0.30 -27.80 -5.78
CA ASN A 144 0.40 -27.77 -4.33
C ASN A 144 -0.59 -26.78 -3.75
N GLY A 145 -1.24 -27.18 -2.66
CA GLY A 145 -2.04 -26.29 -1.85
C GLY A 145 -3.09 -25.49 -2.60
N PHE A 146 -4.06 -26.19 -3.21
CA PHE A 146 -5.22 -25.61 -3.89
C PHE A 146 -4.89 -25.05 -5.27
N CYS A 147 -3.60 -24.91 -5.59
CA CYS A 147 -3.14 -24.25 -6.81
C CYS A 147 -2.66 -25.24 -7.86
N VAL A 148 -3.07 -25.01 -9.10
CA VAL A 148 -2.65 -25.82 -10.24
C VAL A 148 -1.53 -25.15 -11.02
N PHE A 149 -1.73 -23.90 -11.41
CA PHE A 149 -0.74 -23.14 -12.15
C PHE A 149 -0.44 -21.85 -11.41
N ASN A 150 0.80 -21.39 -11.49
CA ASN A 150 1.22 -20.21 -10.74
C ASN A 150 0.87 -18.97 -11.56
N ASN A 151 -0.30 -18.39 -11.26
CA ASN A 151 -0.79 -17.26 -12.03
C ASN A 151 0.15 -16.06 -11.95
N VAL A 152 0.57 -15.69 -10.74
CA VAL A 152 1.41 -14.52 -10.57
C VAL A 152 2.80 -14.75 -11.17
N ALA A 153 3.32 -15.97 -11.08
CA ALA A 153 4.59 -16.27 -11.72
C ALA A 153 4.49 -16.15 -13.24
N PHE A 154 3.34 -16.49 -13.81
CA PHE A 154 3.12 -16.25 -15.24
C PHE A 154 3.20 -14.76 -15.54
N ALA A 155 2.48 -13.95 -14.76
CA ALA A 155 2.40 -12.51 -15.01
C ALA A 155 3.78 -11.88 -15.05
N ALA A 156 4.65 -12.23 -14.10
CA ALA A 156 5.97 -11.63 -14.03
C ALA A 156 6.82 -12.02 -15.24
N LEU A 157 6.91 -13.32 -15.52
CA LEU A 157 7.62 -13.75 -16.71
C LEU A 157 6.99 -13.17 -17.97
N TYR A 158 5.65 -13.14 -18.03
CA TYR A 158 4.95 -12.55 -19.16
C TYR A 158 5.35 -11.10 -19.36
N ALA A 159 5.27 -10.29 -18.31
CA ALA A 159 5.67 -8.89 -18.41
C ALA A 159 7.16 -8.76 -18.69
N LYS A 160 7.97 -9.70 -18.19
CA LYS A 160 9.39 -9.64 -18.46
C LYS A 160 9.67 -9.86 -19.94
N LYS A 161 8.98 -10.83 -20.56
CA LYS A 161 9.26 -11.18 -21.93
C LYS A 161 8.63 -10.19 -22.90
N ASN A 162 7.35 -9.86 -22.70
CA ASN A 162 6.59 -9.09 -23.67
C ASN A 162 6.68 -7.59 -23.47
N TYR A 163 7.31 -7.12 -22.40
CA TYR A 163 7.42 -5.69 -22.14
C TYR A 163 8.84 -5.27 -21.74
N ASN A 164 9.80 -6.20 -21.78
CA ASN A 164 11.20 -5.91 -21.50
C ASN A 164 11.36 -5.22 -20.14
N LEU A 165 10.67 -5.74 -19.13
CA LEU A 165 10.73 -5.19 -17.78
C LEU A 165 11.90 -5.80 -17.03
N ASN A 166 12.71 -4.94 -16.42
CA ASN A 166 13.91 -5.37 -15.71
C ASN A 166 13.68 -5.53 -14.21
N ARG A 167 12.67 -4.89 -13.66
CA ARG A 167 12.42 -4.90 -12.22
C ARG A 167 10.93 -5.01 -11.97
N ILE A 168 10.51 -6.12 -11.39
CA ILE A 168 9.12 -6.38 -11.05
C ILE A 168 9.06 -6.74 -9.56
N LEU A 169 8.07 -6.17 -8.86
CA LEU A 169 7.86 -6.41 -7.44
C LEU A 169 6.62 -7.25 -7.23
N ILE A 170 6.79 -8.43 -6.66
CA ILE A 170 5.67 -9.30 -6.28
C ILE A 170 5.47 -9.20 -4.78
N VAL A 171 4.26 -8.88 -4.35
CA VAL A 171 3.88 -8.81 -2.94
C VAL A 171 2.81 -9.86 -2.69
N ASP A 172 3.07 -10.76 -1.75
CA ASP A 172 2.22 -11.91 -1.44
C ASP A 172 1.72 -11.78 0.00
N TRP A 173 0.59 -11.09 0.21
CA TRP A 173 0.11 -10.88 1.56
C TRP A 173 -0.87 -11.96 2.01
N ASP A 174 -0.92 -13.09 1.31
CA ASP A 174 -1.51 -14.30 1.84
C ASP A 174 -0.75 -14.76 3.10
N VAL A 175 -1.43 -15.55 3.94
CA VAL A 175 -0.81 -16.10 5.15
C VAL A 175 -0.01 -17.37 4.90
N HIS A 176 -0.02 -17.88 3.68
CA HIS A 176 0.78 -19.04 3.31
C HIS A 176 1.96 -18.59 2.47
N HIS A 177 3.11 -19.21 2.69
CA HIS A 177 4.31 -18.86 1.92
C HIS A 177 4.13 -19.34 0.49
N GLY A 178 4.19 -18.41 -0.46
CA GLY A 178 4.12 -18.78 -1.86
C GLY A 178 5.43 -19.35 -2.35
N GLN A 179 5.72 -20.61 -1.99
CA GLN A 179 7.02 -21.18 -2.32
C GLN A 179 7.19 -21.38 -3.82
N GLY A 180 6.09 -21.61 -4.53
CA GLY A 180 6.18 -21.74 -5.97
C GLY A 180 6.72 -20.48 -6.64
N ILE A 181 6.38 -19.31 -6.10
CA ILE A 181 6.92 -18.08 -6.63
C ILE A 181 8.39 -17.95 -6.25
N GLN A 182 8.73 -18.25 -5.00
CA GLN A 182 10.12 -18.15 -4.57
C GLN A 182 11.01 -19.11 -5.35
N TYR A 183 10.56 -20.36 -5.54
CA TYR A 183 11.35 -21.31 -6.31
C TYR A 183 11.64 -20.80 -7.71
N CYS A 184 10.63 -20.24 -8.38
CA CYS A 184 10.77 -19.85 -9.78
C CYS A 184 11.70 -18.66 -9.95
N PHE A 185 11.67 -17.72 -9.01
CA PHE A 185 12.51 -16.53 -9.06
C PHE A 185 13.62 -16.55 -8.01
N GLU A 186 14.06 -17.75 -7.61
CA GLU A 186 15.04 -17.86 -6.53
C GLU A 186 16.36 -17.21 -6.92
N GLU A 187 16.97 -17.67 -8.02
CA GLU A 187 18.21 -17.12 -8.54
C GLU A 187 17.99 -15.94 -9.48
N ASP A 188 16.85 -15.27 -9.38
CA ASP A 188 16.45 -14.23 -10.33
C ASP A 188 16.37 -12.89 -9.63
N PRO A 189 17.27 -11.95 -9.93
CA PRO A 189 17.19 -10.61 -9.30
C PRO A 189 16.24 -9.65 -10.00
N SER A 190 15.64 -10.05 -11.12
CA SER A 190 14.73 -9.17 -11.85
C SER A 190 13.36 -9.05 -11.18
N VAL A 191 12.97 -10.04 -10.37
CA VAL A 191 11.65 -10.08 -9.76
C VAL A 191 11.86 -10.15 -8.24
N LEU A 192 11.46 -9.09 -7.54
CA LEU A 192 11.58 -9.03 -6.08
C LEU A 192 10.32 -9.64 -5.47
N TYR A 193 10.48 -10.80 -4.86
CA TYR A 193 9.38 -11.50 -4.17
C TYR A 193 9.44 -11.19 -2.69
N PHE A 194 8.37 -10.59 -2.16
CA PHE A 194 8.17 -10.41 -0.73
C PHE A 194 6.97 -11.22 -0.29
N SER A 195 7.05 -11.80 0.91
CA SER A 195 5.94 -12.62 1.39
C SER A 195 6.02 -12.71 2.90
N TRP A 196 4.99 -12.23 3.58
CA TRP A 196 4.77 -12.60 4.96
C TRP A 196 3.81 -13.77 4.99
N HIS A 197 3.88 -14.57 6.05
CA HIS A 197 3.10 -15.81 6.10
C HIS A 197 3.12 -16.37 7.51
N ARG A 198 2.09 -17.13 7.85
CA ARG A 198 2.03 -17.82 9.13
C ARG A 198 3.03 -18.96 9.14
N TYR A 199 3.95 -18.93 10.08
CA TYR A 199 5.05 -19.89 10.13
C TYR A 199 5.03 -20.72 11.40
N GLU A 200 4.93 -20.07 12.56
CA GLU A 200 4.93 -20.75 13.86
C GLU A 200 6.11 -21.72 13.99
N HIS A 201 7.28 -21.24 13.59
CA HIS A 201 8.53 -22.02 13.66
C HIS A 201 8.43 -23.34 12.90
N GLN A 202 8.03 -23.25 11.62
CA GLN A 202 7.92 -24.37 10.68
C GLN A 202 6.81 -25.35 11.04
N SER A 203 6.08 -25.13 12.15
CA SER A 203 5.02 -26.07 12.49
C SER A 203 3.77 -25.89 11.64
N PHE A 204 3.69 -24.82 10.85
CA PHE A 204 2.49 -24.54 10.05
C PHE A 204 2.74 -24.82 8.57
N TRP A 205 1.66 -25.19 7.89
CA TRP A 205 1.72 -25.56 6.48
C TRP A 205 2.24 -24.39 5.64
N PRO A 206 3.13 -24.65 4.66
CA PRO A 206 3.64 -25.96 4.21
C PRO A 206 4.87 -26.52 4.93
N ASN A 207 5.19 -26.00 6.13
CA ASN A 207 6.29 -26.53 6.96
C ASN A 207 7.62 -26.55 6.20
N LEU A 208 8.03 -25.39 5.72
CA LEU A 208 9.24 -25.33 4.92
C LEU A 208 10.35 -24.58 5.65
N PRO A 209 11.58 -25.08 5.65
CA PRO A 209 12.69 -24.26 6.12
C PRO A 209 13.00 -23.10 5.18
N GLU A 210 12.66 -23.24 3.90
CA GLU A 210 12.83 -22.14 2.95
C GLU A 210 11.87 -20.99 3.22
N SER A 211 10.77 -21.24 3.94
CA SER A 211 9.85 -20.17 4.30
C SER A 211 10.44 -19.20 5.31
N ASP A 212 11.52 -19.58 5.98
CA ASP A 212 12.10 -18.77 7.04
C ASP A 212 12.77 -17.52 6.48
N TYR A 213 12.99 -16.54 7.37
CA TYR A 213 13.66 -15.31 6.97
C TYR A 213 15.09 -15.54 6.49
N SER A 214 15.67 -16.71 6.77
CA SER A 214 17.03 -16.98 6.31
C SER A 214 17.09 -17.08 4.79
N SER A 215 16.02 -17.56 4.15
CA SER A 215 16.00 -17.70 2.69
C SER A 215 15.96 -16.31 2.05
N VAL A 216 17.02 -15.97 1.35
CA VAL A 216 17.25 -14.62 0.87
C VAL A 216 17.35 -14.64 -0.65
N GLY A 217 17.72 -15.80 -1.20
CA GLY A 217 17.93 -15.95 -2.62
C GLY A 217 19.24 -16.63 -2.91
N LYS A 218 19.28 -17.38 -4.00
CA LYS A 218 20.48 -18.08 -4.44
C LYS A 218 21.13 -17.32 -5.59
N GLY A 219 22.43 -17.52 -5.76
CA GLY A 219 23.12 -16.97 -6.90
C GLY A 219 23.01 -15.46 -7.00
N LYS A 220 22.84 -14.97 -8.24
CA LYS A 220 22.77 -13.55 -8.50
C LYS A 220 21.48 -12.90 -8.00
N GLY A 221 20.48 -13.69 -7.65
CA GLY A 221 19.23 -13.17 -7.14
C GLY A 221 19.17 -12.98 -5.65
N SER A 222 20.28 -13.22 -4.94
CA SER A 222 20.29 -13.11 -3.49
C SER A 222 20.03 -11.68 -3.04
N GLY A 223 19.07 -11.52 -2.12
CA GLY A 223 18.63 -10.22 -1.68
C GLY A 223 17.31 -9.79 -2.27
N PHE A 224 16.78 -10.53 -3.24
CA PHE A 224 15.51 -10.20 -3.86
C PHE A 224 14.40 -11.17 -3.46
N ASN A 225 14.67 -12.04 -2.48
CA ASN A 225 13.66 -12.88 -1.85
C ASN A 225 13.59 -12.50 -0.38
N ILE A 226 12.41 -12.06 0.07
CA ILE A 226 12.22 -11.58 1.44
C ILE A 226 11.05 -12.32 2.06
N ASN A 227 11.34 -13.15 3.06
CA ASN A 227 10.31 -13.85 3.83
C ASN A 227 10.20 -13.22 5.21
N LEU A 228 8.96 -13.00 5.65
CA LEU A 228 8.64 -12.43 6.96
C LEU A 228 7.75 -13.42 7.70
N PRO A 229 8.33 -14.33 8.48
CA PRO A 229 7.54 -15.40 9.11
C PRO A 229 6.81 -14.89 10.34
N TRP A 230 5.50 -15.03 10.35
CA TRP A 230 4.71 -14.83 11.56
C TRP A 230 4.82 -16.09 12.41
N ASN A 231 5.24 -15.95 13.67
CA ASN A 231 5.42 -17.09 14.54
C ASN A 231 4.33 -17.22 15.58
N LYS A 232 3.42 -16.25 15.67
CA LYS A 232 2.26 -16.32 16.55
C LYS A 232 1.03 -15.88 15.77
N VAL A 233 -0.11 -16.50 16.05
CA VAL A 233 -1.37 -16.13 15.40
C VAL A 233 -1.89 -14.84 16.03
N GLY A 234 -3.04 -14.37 15.55
CA GLY A 234 -3.63 -13.17 16.10
C GLY A 234 -2.89 -11.88 15.78
N MET A 235 -2.14 -11.86 14.68
CA MET A 235 -1.47 -10.64 14.27
C MET A 235 -2.50 -9.58 13.94
N THR A 236 -2.33 -8.40 14.52
CA THR A 236 -3.29 -7.32 14.39
C THR A 236 -2.85 -6.37 13.27
N ASN A 237 -3.60 -5.28 13.09
CA ASN A 237 -3.28 -4.32 12.06
C ASN A 237 -1.90 -3.71 12.27
N SER A 238 -1.55 -3.40 13.52
CA SER A 238 -0.25 -2.78 13.78
C SER A 238 0.89 -3.70 13.38
N ASP A 239 0.70 -5.01 13.47
CA ASP A 239 1.73 -5.92 13.01
C ASP A 239 1.92 -5.82 11.50
N TYR A 240 0.82 -5.74 10.75
CA TYR A 240 0.92 -5.69 9.29
C TYR A 240 1.52 -4.37 8.81
N LEU A 241 1.12 -3.25 9.43
CA LEU A 241 1.65 -1.96 9.02
C LEU A 241 3.12 -1.82 9.36
N ALA A 242 3.54 -2.30 10.53
CA ALA A 242 4.95 -2.24 10.89
C ALA A 242 5.80 -3.02 9.89
N ALA A 243 5.28 -4.16 9.42
CA ALA A 243 6.00 -4.92 8.39
C ALA A 243 6.21 -4.09 7.13
N PHE A 244 5.18 -3.34 6.70
CA PHE A 244 5.33 -2.49 5.53
C PHE A 244 6.34 -1.37 5.79
N PHE A 245 6.13 -0.62 6.88
CA PHE A 245 6.95 0.56 7.14
C PHE A 245 8.43 0.22 7.35
N HIS A 246 8.72 -0.93 7.92
CA HIS A 246 10.09 -1.25 8.33
C HIS A 246 10.73 -2.38 7.53
N VAL A 247 10.00 -3.01 6.60
CA VAL A 247 10.59 -4.09 5.80
C VAL A 247 10.28 -3.87 4.33
N LEU A 248 8.99 -3.83 3.97
CA LEU A 248 8.60 -3.92 2.56
C LEU A 248 8.75 -2.58 1.83
N LEU A 249 8.20 -1.51 2.38
CA LEU A 249 8.24 -0.23 1.68
C LEU A 249 9.66 0.32 1.51
N PRO A 250 10.55 0.27 2.51
CA PRO A 250 11.91 0.77 2.26
C PRO A 250 12.63 0.01 1.16
N VAL A 251 12.41 -1.31 1.06
CA VAL A 251 13.06 -2.08 0.02
C VAL A 251 12.42 -1.82 -1.34
N ALA A 252 11.10 -1.57 -1.36
CA ALA A 252 10.41 -1.37 -2.62
C ALA A 252 10.81 -0.06 -3.29
N TYR A 253 10.78 1.04 -2.53
CA TYR A 253 11.18 2.32 -3.12
C TYR A 253 12.64 2.30 -3.55
N GLU A 254 13.48 1.59 -2.81
CA GLU A 254 14.86 1.40 -3.25
C GLU A 254 14.91 0.59 -4.53
N PHE A 255 14.04 -0.42 -4.64
CA PHE A 255 13.98 -1.24 -5.84
C PHE A 255 13.46 -0.45 -7.04
N ASP A 256 12.52 0.48 -6.81
CA ASP A 256 11.89 1.25 -7.86
C ASP A 256 11.32 0.35 -8.96
N PRO A 257 10.35 -0.50 -8.64
CA PRO A 257 9.92 -1.51 -9.61
C PRO A 257 9.10 -0.88 -10.73
N GLU A 258 9.20 -1.50 -11.90
CA GLU A 258 8.46 -1.05 -13.06
C GLU A 258 7.05 -1.63 -13.13
N LEU A 259 6.73 -2.59 -12.27
CA LEU A 259 5.42 -3.21 -12.24
C LEU A 259 5.25 -3.95 -10.91
N VAL A 260 4.15 -3.65 -10.21
CA VAL A 260 3.83 -4.27 -8.94
C VAL A 260 2.74 -5.31 -9.18
N ILE A 261 3.00 -6.55 -8.79
CA ILE A 261 2.04 -7.64 -8.89
C ILE A 261 1.74 -8.13 -7.47
N VAL A 262 0.46 -8.24 -7.14
CA VAL A 262 0.04 -8.56 -5.78
C VAL A 262 -0.64 -9.92 -5.78
N SER A 263 -0.10 -10.85 -4.98
CA SER A 263 -0.79 -12.11 -4.67
C SER A 263 -1.73 -11.83 -3.51
N ALA A 264 -2.89 -11.25 -3.85
CA ALA A 264 -3.83 -10.84 -2.81
C ALA A 264 -4.58 -12.07 -2.31
N GLY A 265 -4.12 -12.62 -1.19
CA GLY A 265 -4.87 -13.62 -0.47
C GLY A 265 -5.44 -13.01 0.80
N PHE A 266 -6.76 -13.13 1.00
CA PHE A 266 -7.41 -12.48 2.11
C PHE A 266 -7.71 -13.44 3.27
N ASP A 267 -7.05 -14.60 3.30
CA ASP A 267 -7.05 -15.43 4.50
C ASP A 267 -6.14 -14.87 5.59
N SER A 268 -5.51 -13.72 5.34
CA SER A 268 -4.75 -13.00 6.34
C SER A 268 -5.59 -11.99 7.11
N ALA A 269 -6.91 -12.15 7.08
CA ALA A 269 -7.82 -11.23 7.75
C ALA A 269 -8.49 -11.91 8.93
N ILE A 270 -9.17 -11.11 9.74
CA ILE A 270 -9.89 -11.62 10.89
C ILE A 270 -10.91 -12.67 10.47
N GLY A 271 -11.09 -13.69 11.31
CA GLY A 271 -12.12 -14.67 11.11
C GLY A 271 -11.81 -15.76 10.11
N ASP A 272 -10.62 -15.79 9.54
CA ASP A 272 -10.32 -16.82 8.55
C ASP A 272 -9.97 -18.14 9.25
N PRO A 273 -10.56 -19.26 8.85
CA PRO A 273 -10.33 -20.52 9.57
C PRO A 273 -8.94 -21.09 9.37
N GLU A 274 -8.16 -20.55 8.44
CA GLU A 274 -6.83 -21.06 8.14
C GLU A 274 -5.71 -20.17 8.65
N GLY A 275 -5.85 -18.85 8.55
CA GLY A 275 -4.79 -17.96 8.95
C GLY A 275 -4.86 -17.57 10.41
N GLU A 276 -6.07 -17.50 10.96
CA GLU A 276 -6.29 -17.18 12.36
C GLU A 276 -5.62 -15.88 12.78
N MET A 277 -5.53 -14.92 11.84
CA MET A 277 -5.02 -13.60 12.18
C MET A 277 -6.18 -12.71 12.62
N CYS A 278 -5.85 -11.47 13.02
CA CYS A 278 -6.85 -10.56 13.55
C CYS A 278 -6.82 -9.20 12.86
N ALA A 279 -6.40 -9.18 11.59
CA ALA A 279 -6.37 -7.92 10.86
C ALA A 279 -7.73 -7.63 10.25
N LEU A 280 -8.18 -6.38 10.40
CA LEU A 280 -9.46 -5.99 9.86
C LEU A 280 -9.38 -5.91 8.34
N PRO A 281 -10.50 -6.12 7.64
CA PRO A 281 -10.49 -5.91 6.18
C PRO A 281 -10.03 -4.52 5.77
N GLU A 282 -10.30 -3.50 6.59
CA GLU A 282 -9.90 -2.15 6.27
C GLU A 282 -8.40 -1.99 6.10
N ILE A 283 -7.60 -2.89 6.69
CA ILE A 283 -6.15 -2.78 6.56
C ILE A 283 -5.72 -2.97 5.11
N PHE A 284 -6.49 -3.73 4.33
CA PHE A 284 -6.12 -3.97 2.94
C PHE A 284 -6.29 -2.73 2.09
N ALA A 285 -7.24 -1.86 2.44
CA ALA A 285 -7.36 -0.59 1.73
C ALA A 285 -6.08 0.22 1.85
N HIS A 286 -5.35 0.08 2.96
CA HIS A 286 -4.09 0.77 3.13
C HIS A 286 -2.92 -0.01 2.56
N LEU A 287 -2.97 -1.34 2.59
CA LEU A 287 -1.90 -2.13 1.99
C LEU A 287 -1.74 -1.79 0.51
N THR A 288 -2.84 -1.80 -0.23
CA THR A 288 -2.78 -1.41 -1.65
C THR A 288 -2.39 0.05 -1.78
N HIS A 289 -2.94 0.92 -0.94
CA HIS A 289 -2.69 2.35 -1.07
C HIS A 289 -1.20 2.66 -0.89
N LEU A 290 -0.54 1.99 0.06
CA LEU A 290 0.88 2.25 0.30
C LEU A 290 1.76 1.81 -0.87
N LEU A 291 1.22 1.00 -1.78
CA LEU A 291 1.96 0.52 -2.95
C LEU A 291 1.61 1.27 -4.23
N MET A 292 0.68 2.24 -4.17
CA MET A 292 0.29 2.95 -5.38
C MET A 292 1.42 3.77 -5.98
N PRO A 293 2.21 4.55 -5.23
CA PRO A 293 3.27 5.36 -5.86
C PRO A 293 4.36 4.54 -6.54
N LEU A 294 4.41 3.23 -6.31
CA LEU A 294 5.39 2.38 -6.98
C LEU A 294 4.91 2.03 -8.38
N ALA A 295 5.85 1.99 -9.33
CA ALA A 295 5.57 1.67 -10.73
C ALA A 295 4.52 2.60 -11.33
N ALA A 296 4.49 3.85 -10.85
CA ALA A 296 3.54 4.85 -11.35
C ALA A 296 2.10 4.35 -11.30
N GLY A 297 1.78 3.59 -10.25
CA GLY A 297 0.45 3.05 -10.08
C GLY A 297 0.18 1.73 -10.76
N LYS A 298 1.04 1.30 -11.70
CA LYS A 298 0.81 0.07 -12.44
C LYS A 298 0.81 -1.14 -11.51
N MET A 299 -0.34 -1.44 -10.91
CA MET A 299 -0.47 -2.50 -9.92
C MET A 299 -1.49 -3.51 -10.40
N CYS A 300 -1.08 -4.78 -10.49
CA CYS A 300 -1.97 -5.89 -10.85
C CYS A 300 -2.22 -6.75 -9.62
N VAL A 301 -3.43 -6.64 -9.07
CA VAL A 301 -3.86 -7.44 -7.93
C VAL A 301 -4.50 -8.73 -8.45
N VAL A 302 -4.03 -9.87 -7.93
CA VAL A 302 -4.54 -11.17 -8.34
C VAL A 302 -4.96 -11.94 -7.09
N LEU A 303 -6.20 -12.44 -7.10
CA LEU A 303 -6.74 -13.14 -5.95
C LEU A 303 -5.99 -14.43 -5.69
N GLU A 304 -5.77 -14.72 -4.41
CA GLU A 304 -5.06 -15.92 -3.99
C GLU A 304 -5.96 -16.73 -3.05
N GLY A 305 -5.86 -16.49 -1.75
CA GLY A 305 -6.66 -17.18 -0.77
C GLY A 305 -7.66 -16.28 -0.07
N GLY A 306 -8.31 -16.85 0.95
CA GLY A 306 -9.38 -16.20 1.68
C GLY A 306 -10.60 -17.11 1.76
N TYR A 307 -10.97 -17.55 2.96
CA TYR A 307 -11.96 -18.62 3.07
C TYR A 307 -13.08 -18.35 4.05
N ASN A 308 -13.15 -17.17 4.65
CA ASN A 308 -14.30 -16.75 5.44
C ASN A 308 -15.19 -15.90 4.53
N LEU A 309 -16.31 -16.49 4.08
CA LEU A 309 -17.15 -15.86 3.06
C LEU A 309 -17.53 -14.43 3.45
N THR A 310 -17.81 -14.19 4.73
CA THR A 310 -18.12 -12.83 5.17
C THR A 310 -16.87 -11.97 5.23
N SER A 311 -15.78 -12.50 5.77
CA SER A 311 -14.55 -11.71 5.86
C SER A 311 -13.90 -11.51 4.50
N LEU A 312 -14.17 -12.41 3.55
CA LEU A 312 -13.52 -12.33 2.24
C LEU A 312 -14.08 -11.20 1.42
N GLY A 313 -15.42 -11.11 1.32
CA GLY A 313 -16.03 -10.05 0.55
C GLY A 313 -15.62 -8.67 1.04
N GLN A 314 -15.56 -8.47 2.35
CA GLN A 314 -15.30 -7.15 2.89
C GLN A 314 -13.91 -6.66 2.50
N SER A 315 -12.92 -7.54 2.50
CA SER A 315 -11.56 -7.14 2.15
C SER A 315 -11.38 -6.96 0.66
N VAL A 316 -12.06 -7.76 -0.15
CA VAL A 316 -12.02 -7.56 -1.60
C VAL A 316 -12.50 -6.16 -1.97
N CYS A 317 -13.60 -5.70 -1.36
CA CYS A 317 -14.09 -4.34 -1.63
C CYS A 317 -13.15 -3.28 -1.10
N GLN A 318 -12.52 -3.52 0.05
CA GLN A 318 -11.54 -2.55 0.56
C GLN A 318 -10.37 -2.41 -0.39
N THR A 319 -9.98 -3.52 -1.06
CA THR A 319 -8.91 -3.46 -2.05
C THR A 319 -9.35 -2.69 -3.29
N VAL A 320 -10.53 -3.01 -3.82
CA VAL A 320 -11.01 -2.33 -5.00
C VAL A 320 -11.27 -0.85 -4.72
N HIS A 321 -11.74 -0.53 -3.50
CA HIS A 321 -11.99 0.85 -3.12
C HIS A 321 -10.75 1.72 -3.32
N SER A 322 -9.61 1.29 -2.77
CA SER A 322 -8.39 2.07 -2.91
C SER A 322 -7.80 1.98 -4.31
N LEU A 323 -8.08 0.88 -5.03
CA LEU A 323 -7.69 0.80 -6.44
C LEU A 323 -8.37 1.89 -7.27
N LEU A 324 -9.65 2.19 -6.97
CA LEU A 324 -10.39 3.26 -7.64
C LEU A 324 -10.06 4.63 -7.09
N GLY A 325 -9.26 4.72 -6.03
CA GLY A 325 -8.91 6.00 -5.43
C GLY A 325 -9.86 6.49 -4.35
N ASP A 326 -10.78 5.65 -3.89
CA ASP A 326 -11.73 6.08 -2.87
C ASP A 326 -10.99 6.33 -1.55
N PRO A 327 -11.55 7.18 -0.69
CA PRO A 327 -10.85 7.53 0.56
C PRO A 327 -10.64 6.30 1.44
N THR A 328 -9.42 6.13 1.92
CA THR A 328 -9.11 5.01 2.79
C THR A 328 -9.70 5.24 4.17
N PRO A 329 -10.26 4.21 4.79
CA PRO A 329 -10.85 4.39 6.12
C PRO A 329 -9.78 4.66 7.17
N ARG A 330 -10.11 5.54 8.10
CA ARG A 330 -9.25 5.76 9.26
C ARG A 330 -9.14 4.49 10.09
N ILE A 331 -7.92 4.20 10.57
CA ILE A 331 -7.64 3.04 11.39
C ILE A 331 -7.11 3.50 12.73
N SER A 332 -7.68 2.96 13.82
CA SER A 332 -7.34 3.34 15.18
C SER A 332 -6.94 2.11 15.98
N GLY A 333 -6.55 2.32 17.25
CA GLY A 333 -6.07 1.21 18.03
C GLY A 333 -4.70 0.69 17.63
N LEU A 334 -3.95 1.45 16.86
CA LEU A 334 -2.63 1.03 16.42
C LEU A 334 -1.58 1.33 17.49
N GLY A 335 -0.52 0.54 17.48
CA GLY A 335 0.54 0.73 18.44
C GLY A 335 1.75 -0.14 18.16
N THR A 336 2.42 -0.60 19.22
CA THR A 336 3.60 -1.44 19.04
C THR A 336 3.18 -2.77 18.43
N ALA A 337 3.95 -3.23 17.47
CA ALA A 337 3.83 -4.60 17.00
C ALA A 337 4.16 -5.57 18.14
N CYS A 338 3.48 -6.71 18.15
CA CYS A 338 3.69 -7.68 19.22
C CYS A 338 5.14 -8.18 19.20
N ASP A 339 5.56 -8.75 20.34
CA ASP A 339 6.98 -9.11 20.50
C ASP A 339 7.42 -10.14 19.47
N SER A 340 6.52 -11.04 19.07
CA SER A 340 6.88 -12.03 18.05
C SER A 340 7.09 -11.35 16.70
N ALA A 341 6.23 -10.39 16.36
CA ALA A 341 6.40 -9.66 15.11
C ALA A 341 7.65 -8.80 15.13
N LEU A 342 7.91 -8.12 16.26
CA LEU A 342 9.13 -7.33 16.37
C LEU A 342 10.37 -8.20 16.25
N GLU A 343 10.30 -9.44 16.76
CA GLU A 343 11.43 -10.36 16.62
C GLU A 343 11.64 -10.73 15.15
N SER A 344 10.56 -11.12 14.47
CA SER A 344 10.67 -11.53 13.06
C SER A 344 11.09 -10.36 12.17
N ILE A 345 10.53 -9.17 12.43
CA ILE A 345 10.96 -7.99 11.68
C ILE A 345 12.43 -7.69 11.94
N GLN A 346 12.86 -7.83 13.21
CA GLN A 346 14.26 -7.57 13.56
C GLN A 346 15.19 -8.55 12.86
N ASN A 347 14.80 -9.82 12.80
CA ASN A 347 15.67 -10.83 12.18
C ASN A 347 15.78 -10.61 10.68
N VAL A 348 14.66 -10.38 10.00
CA VAL A 348 14.71 -10.23 8.55
C VAL A 348 15.44 -8.95 8.15
N ARG A 349 15.22 -7.85 8.88
CA ARG A 349 15.98 -6.62 8.62
C ARG A 349 17.48 -6.87 8.72
N ASN A 350 17.90 -7.68 9.69
CA ASN A 350 19.33 -7.96 9.87
C ASN A 350 19.87 -8.80 8.72
N VAL A 351 19.24 -9.95 8.45
CA VAL A 351 19.76 -10.83 7.40
C VAL A 351 19.75 -10.13 6.04
N GLN A 352 18.83 -9.20 5.80
CA GLN A 352 18.77 -8.48 4.53
C GLN A 352 19.61 -7.22 4.52
N SER A 353 20.24 -6.86 5.64
CA SER A 353 20.97 -5.60 5.72
C SER A 353 22.17 -5.57 4.80
N SER A 354 22.78 -6.73 4.53
CA SER A 354 23.92 -6.78 3.63
C SER A 354 23.53 -6.45 2.19
N TYR A 355 22.28 -6.68 1.82
CA TYR A 355 21.81 -6.40 0.47
C TYR A 355 21.10 -5.07 0.34
N TRP A 356 20.40 -4.62 1.39
CA TRP A 356 19.74 -3.32 1.42
C TRP A 356 20.30 -2.56 2.61
N SER A 357 21.24 -1.64 2.35
CA SER A 357 22.02 -1.02 3.42
C SER A 357 21.18 -0.16 4.36
N SER A 358 19.92 0.13 4.03
CA SER A 358 19.09 0.93 4.92
C SER A 358 18.71 0.19 6.20
N PHE A 359 19.09 -1.08 6.34
CA PHE A 359 18.73 -1.89 7.49
C PHE A 359 19.89 -2.09 8.48
N LYS A 360 21.05 -1.50 8.22
CA LYS A 360 22.18 -1.64 9.11
C LYS A 360 21.91 -0.94 10.44
N HIS A 361 22.50 -1.47 11.50
CA HIS A 361 22.43 -0.88 12.83
C HIS A 361 23.80 -0.94 13.47
N LEU A 362 24.08 0.03 14.34
CA LEU A 362 25.37 0.06 15.01
C LEU A 362 25.42 -0.99 16.12
N ALA A 363 26.61 -1.55 16.31
CA ALA A 363 26.78 -2.70 17.20
C ALA A 363 26.49 -2.34 18.65
N GLN A 364 25.82 -3.25 19.35
CA GLN A 364 25.51 -3.09 20.77
C GLN A 364 25.81 -4.38 21.53
N SER A 412 -18.72 14.34 -5.77
CA SER A 412 -18.35 14.33 -7.19
C SER A 412 -16.94 14.88 -7.39
N VAL A 413 -16.73 16.13 -7.00
CA VAL A 413 -15.43 16.79 -7.10
C VAL A 413 -14.62 16.47 -5.85
N ARG A 414 -13.35 16.10 -6.06
CA ARG A 414 -12.50 15.56 -5.01
C ARG A 414 -11.58 16.61 -4.39
N THR A 415 -11.00 17.51 -5.18
CA THR A 415 -10.04 18.49 -4.72
C THR A 415 -10.52 19.90 -5.07
N VAL A 416 -10.06 20.89 -4.29
CA VAL A 416 -10.35 22.28 -4.57
C VAL A 416 -9.04 23.06 -4.63
N VAL A 417 -8.95 24.00 -5.57
CA VAL A 417 -7.73 24.77 -5.79
C VAL A 417 -8.09 26.25 -5.72
N VAL A 418 -7.52 26.96 -4.74
CA VAL A 418 -7.66 28.41 -4.76
C VAL A 418 -6.28 29.00 -5.00
N PRO A 419 -6.01 29.48 -6.21
CA PRO A 419 -4.73 30.10 -6.50
C PRO A 419 -4.85 31.61 -6.32
N PRO A 420 -3.77 32.36 -6.53
CA PRO A 420 -3.85 33.82 -6.47
C PRO A 420 -4.95 34.33 -7.41
N PRO A 421 -5.59 35.44 -7.07
CA PRO A 421 -6.70 35.93 -7.91
C PRO A 421 -6.24 36.27 -9.32
N GLY A 422 -7.11 36.02 -10.28
CA GLY A 422 -6.85 36.30 -11.68
C GLY A 422 -6.29 35.13 -12.47
N VAL A 423 -5.41 34.35 -11.85
CA VAL A 423 -4.77 33.23 -12.56
C VAL A 423 -5.76 32.07 -12.68
N GLU A 424 -5.58 31.29 -13.74
CA GLU A 424 -6.39 30.10 -13.99
C GLU A 424 -5.50 29.06 -14.65
N LEU A 425 -5.51 27.85 -14.12
CA LEU A 425 -4.62 26.79 -14.60
C LEU A 425 -5.42 25.59 -15.09
N THR A 426 -4.74 24.73 -15.84
CA THR A 426 -5.34 23.51 -16.40
C THR A 426 -5.38 22.45 -15.32
N LEU A 427 -6.54 22.29 -14.70
CA LEU A 427 -6.65 21.35 -13.59
C LEU A 427 -7.54 20.18 -13.96
N PRO A 428 -7.19 18.96 -13.56
CA PRO A 428 -7.90 17.77 -14.04
C PRO A 428 -9.36 17.70 -13.59
N LYS A 429 -10.00 16.57 -13.89
CA LYS A 429 -11.44 16.35 -13.68
C LYS A 429 -11.81 16.10 -12.23
N ASN A 430 -10.95 16.43 -11.25
CA ASN A 430 -11.27 16.26 -9.84
C ASN A 430 -11.10 17.55 -9.05
N CYS A 431 -11.08 18.70 -9.71
CA CYS A 431 -10.65 19.93 -9.08
C CYS A 431 -11.67 21.04 -9.35
N GLN A 432 -11.45 22.17 -8.69
CA GLN A 432 -12.40 23.27 -8.66
C GLN A 432 -11.70 24.48 -8.04
N HIS A 433 -12.26 25.66 -8.29
CA HIS A 433 -11.76 26.89 -7.70
C HIS A 433 -12.63 27.25 -6.48
N SER A 434 -12.57 28.52 -6.06
CA SER A 434 -13.35 28.98 -4.91
C SER A 434 -14.86 28.86 -5.17
N ILE A 437 -16.30 31.43 -1.87
CA ILE A 437 -16.41 32.37 -0.78
C ILE A 437 -17.88 32.57 -0.40
N SER A 438 -18.13 33.15 0.78
CA SER A 438 -19.48 33.30 1.28
C SER A 438 -19.53 34.46 2.26
N GLU A 439 -20.75 34.93 2.53
CA GLU A 439 -20.96 35.95 3.54
C GLU A 439 -21.03 35.35 4.94
N SER A 440 -21.48 34.10 5.06
CA SER A 440 -21.46 33.42 6.35
C SER A 440 -20.03 33.21 6.84
N THR A 441 -19.08 32.96 5.93
CA THR A 441 -17.69 32.82 6.32
C THR A 441 -17.01 34.17 6.52
N ALA A 442 -17.44 35.19 5.77
CA ALA A 442 -16.85 36.52 5.93
C ALA A 442 -17.22 37.14 7.28
N LYS A 443 -18.42 36.83 7.79
CA LYS A 443 -18.76 37.23 9.15
C LYS A 443 -17.78 36.61 10.15
N GLU A 444 -17.40 35.35 9.93
CA GLU A 444 -16.35 34.76 10.75
C GLU A 444 -15.05 35.55 10.60
N VAL A 445 -14.56 35.70 9.37
CA VAL A 445 -13.26 36.35 9.14
C VAL A 445 -13.20 37.71 9.83
N GLN A 446 -14.30 38.46 9.81
CA GLN A 446 -14.32 39.74 10.51
C GLN A 446 -14.15 39.54 12.01
N ARG A 447 -14.64 38.42 12.55
CA ARG A 447 -14.48 38.16 13.98
C ARG A 447 -13.04 37.84 14.34
N ILE A 448 -12.33 37.08 13.50
CA ILE A 448 -10.93 36.75 13.80
C ILE A 448 -10.06 38.00 13.75
N ARG A 449 -10.32 38.92 12.81
CA ARG A 449 -9.50 40.12 12.73
C ARG A 449 -9.69 40.99 13.96
N ASP A 450 -10.95 41.17 14.40
CA ASP A 450 -11.20 42.04 15.54
C ASP A 450 -10.67 41.46 16.84
N LYS A 451 -10.56 40.13 16.92
CA LYS A 451 -10.12 39.49 18.15
C LYS A 451 -8.61 39.31 18.21
N HIS A 452 -8.03 38.70 17.16
CA HIS A 452 -6.63 38.29 17.21
C HIS A 452 -5.69 39.11 16.35
N PHE A 453 -6.16 39.65 15.22
CA PHE A 453 -5.29 40.40 14.32
C PHE A 453 -5.86 41.76 13.93
N THR A 457 -5.23 43.89 10.81
CA THR A 457 -4.66 43.83 9.46
C THR A 457 -5.74 44.03 8.40
N ASP A 458 -5.34 44.57 7.25
CA ASP A 458 -6.26 44.81 6.14
C ASP A 458 -5.51 44.56 4.85
N GLN A 459 -5.97 43.56 4.08
CA GLN A 459 -5.33 43.13 2.84
C GLN A 459 -6.23 42.03 2.26
N ASN A 460 -5.79 41.43 1.14
CA ASN A 460 -6.53 40.32 0.55
C ASN A 460 -6.11 38.98 1.13
N ILE A 461 -5.24 38.99 2.15
CA ILE A 461 -5.01 37.79 2.95
C ILE A 461 -6.30 37.36 3.62
N LEU A 462 -7.16 38.32 3.96
CA LEU A 462 -8.48 37.98 4.47
C LEU A 462 -9.23 37.08 3.50
N ARG A 463 -9.01 37.28 2.20
CA ARG A 463 -9.59 36.38 1.21
C ARG A 463 -8.90 35.02 1.22
N SER A 464 -7.61 34.98 1.55
CA SER A 464 -6.93 33.71 1.69
C SER A 464 -7.46 32.92 2.88
N LEU A 465 -7.67 33.59 4.01
CA LEU A 465 -8.25 32.93 5.17
C LEU A 465 -9.74 32.68 4.99
N GLY A 466 -10.45 33.58 4.34
CA GLY A 466 -11.84 33.34 4.04
C GLY A 466 -12.04 32.14 3.13
N ASN A 467 -11.09 31.90 2.22
CA ASN A 467 -11.17 30.72 1.37
C ASN A 467 -10.66 29.48 2.08
N ILE A 468 -9.71 29.65 3.01
CA ILE A 468 -9.28 28.53 3.86
C ILE A 468 -10.46 28.01 4.68
N ILE A 469 -11.28 28.92 5.21
CA ILE A 469 -12.44 28.51 5.99
C ILE A 469 -13.44 27.79 5.11
N SER A 470 -13.72 28.34 3.93
CA SER A 470 -14.76 27.80 3.07
C SER A 470 -14.48 26.36 2.67
N VAL A 471 -13.22 26.05 2.33
CA VAL A 471 -12.88 24.68 1.95
C VAL A 471 -12.84 23.78 3.18
N LEU A 472 -12.31 24.27 4.30
CA LEU A 472 -12.26 23.48 5.53
C LEU A 472 -13.66 23.01 5.93
N ASP A 473 -14.65 23.90 5.87
CA ASP A 473 -16.02 23.47 6.14
C ASP A 473 -16.53 22.54 5.05
N ARG A 474 -16.11 22.77 3.80
CA ARG A 474 -16.54 21.87 2.72
C ARG A 474 -15.92 20.48 2.86
N MET A 475 -14.77 20.39 3.54
CA MET A 475 -14.11 19.09 3.71
C MET A 475 -14.71 18.29 4.87
N MET A 476 -15.00 18.95 5.99
CA MET A 476 -15.50 18.27 7.19
C MET A 476 -17.01 18.16 7.22
N ARG A 477 -17.71 19.04 6.52
CA ARG A 477 -19.13 18.88 6.23
C ARG A 477 -19.35 18.33 4.83
N SER A 478 -20.60 17.94 4.62
CA SER A 478 -21.19 17.54 3.35
C SER A 478 -20.51 16.36 2.67
N ASP A 479 -19.28 16.06 3.10
CA ASP A 479 -18.30 15.37 2.28
C ASP A 479 -18.25 15.96 0.89
N GLU A 480 -18.45 17.27 0.83
CA GLU A 480 -18.57 17.96 -0.45
C GLU A 480 -17.32 17.79 -1.27
N VAL A 481 -16.16 17.96 -0.65
CA VAL A 481 -14.87 17.70 -1.25
C VAL A 481 -14.03 16.94 -0.25
N CYS A 482 -12.94 16.37 -0.73
CA CYS A 482 -12.07 15.55 0.11
C CYS A 482 -10.90 16.37 0.60
N ASN A 483 -9.88 16.52 -0.24
CA ASN A 483 -8.71 17.31 0.10
C ASN A 483 -8.84 18.71 -0.50
N GLY A 484 -7.78 19.50 -0.41
CA GLY A 484 -7.79 20.86 -0.92
C GLY A 484 -6.42 21.48 -0.83
N CYS A 485 -6.24 22.55 -1.61
CA CYS A 485 -4.96 23.23 -1.66
C CYS A 485 -5.18 24.73 -1.82
N VAL A 486 -4.44 25.51 -1.05
CA VAL A 486 -4.60 26.96 -1.00
C VAL A 486 -3.23 27.59 -1.13
N VAL A 487 -2.98 28.23 -2.28
CA VAL A 487 -1.79 29.05 -2.41
C VAL A 487 -1.97 30.29 -1.54
N VAL A 488 -1.05 30.50 -0.61
CA VAL A 488 -1.35 31.34 0.54
C VAL A 488 -0.33 32.48 0.61
N SER A 489 -0.46 33.33 1.63
CA SER A 489 0.08 34.68 1.62
C SER A 489 1.06 34.93 2.77
N ASP A 490 0.54 35.29 3.93
CA ASP A 490 1.31 35.41 5.15
C ASP A 490 1.17 34.13 5.95
N LEU A 491 2.29 33.54 6.37
CA LEU A 491 2.27 32.18 6.88
C LEU A 491 1.61 32.09 8.25
N SER A 492 2.01 32.98 9.17
CA SER A 492 1.62 32.83 10.58
C SER A 492 0.12 33.01 10.78
N VAL A 493 -0.46 34.05 10.19
CA VAL A 493 -1.90 34.28 10.32
C VAL A 493 -2.70 33.24 9.56
N SER A 494 -2.09 32.58 8.58
CA SER A 494 -2.81 31.60 7.77
C SER A 494 -2.91 30.27 8.49
N VAL A 495 -1.79 29.79 9.04
CA VAL A 495 -1.79 28.53 9.76
C VAL A 495 -2.59 28.64 11.05
N GLN A 496 -2.56 29.81 11.70
CA GLN A 496 -3.28 29.98 12.95
C GLN A 496 -4.78 30.02 12.72
N CYS A 497 -5.21 30.69 11.66
CA CYS A 497 -6.64 30.70 11.34
C CYS A 497 -7.09 29.33 10.81
N ALA A 498 -6.21 28.62 10.11
CA ALA A 498 -6.60 27.34 9.52
C ALA A 498 -6.78 26.28 10.59
N LEU A 499 -5.79 26.12 11.47
CA LEU A 499 -5.85 25.07 12.48
C LEU A 499 -6.93 25.34 13.51
N GLN A 500 -6.96 26.56 14.05
CA GLN A 500 -7.94 26.89 15.09
C GLN A 500 -9.36 26.72 14.57
N HIS A 501 -9.60 27.05 13.31
CA HIS A 501 -10.92 26.81 12.74
C HIS A 501 -11.15 25.33 12.44
N ALA A 502 -10.08 24.56 12.25
CA ALA A 502 -10.23 23.14 11.96
C ALA A 502 -10.57 22.34 13.21
N LEU A 503 -10.01 22.72 14.37
CA LEU A 503 -10.30 22.00 15.61
C LEU A 503 -11.73 22.22 16.07
N THR A 504 -12.36 23.30 15.64
CA THR A 504 -13.77 23.56 15.94
C THR A 504 -14.70 23.07 14.83
N GLU A 505 -14.17 22.34 13.85
CA GLU A 505 -15.00 21.81 12.77
C GLU A 505 -16.08 20.84 13.24
N PRO A 506 -15.83 19.88 14.15
CA PRO A 506 -14.63 19.58 14.94
C PRO A 506 -13.65 18.63 14.25
N ALA A 507 -12.39 18.73 14.65
CA ALA A 507 -11.35 17.78 14.27
C ALA A 507 -10.71 17.27 15.55
N GLU A 508 -10.95 16.00 15.88
CA GLU A 508 -10.43 15.42 17.12
C GLU A 508 -8.93 15.63 17.24
N ARG A 509 -8.19 15.22 16.21
CA ARG A 509 -6.74 15.32 16.17
C ARG A 509 -6.31 15.83 14.80
N VAL A 510 -5.28 16.66 14.77
CA VAL A 510 -4.82 17.28 13.54
C VAL A 510 -3.32 17.08 13.40
N LEU A 511 -2.90 16.42 12.32
CA LEU A 511 -1.49 16.27 11.99
C LEU A 511 -1.05 17.42 11.09
N VAL A 512 0.09 18.03 11.42
CA VAL A 512 0.60 19.19 10.71
C VAL A 512 1.98 18.85 10.16
N VAL A 513 2.13 18.89 8.83
CA VAL A 513 3.40 18.67 8.17
C VAL A 513 3.85 20.00 7.57
N TYR A 514 5.02 20.47 7.99
CA TYR A 514 5.54 21.76 7.56
C TYR A 514 6.98 21.60 7.09
N VAL A 515 7.21 21.92 5.83
CA VAL A 515 8.54 21.88 5.22
C VAL A 515 9.06 23.30 5.09
N GLY A 516 10.11 23.61 5.83
CA GLY A 516 10.68 24.94 5.86
C GLY A 516 11.40 25.14 7.19
N ASP A 517 12.41 25.99 7.17
CA ASP A 517 13.19 26.29 8.36
C ASP A 517 12.70 27.58 9.02
N GLY A 518 11.45 27.54 9.46
CA GLY A 518 10.85 28.64 10.19
C GLY A 518 10.73 28.34 11.68
N GLU A 519 10.09 29.26 12.38
CA GLU A 519 9.77 29.06 13.78
C GLU A 519 8.41 28.38 13.91
N LEU A 520 8.21 27.70 15.03
CA LEU A 520 6.97 26.98 15.31
C LEU A 520 5.79 27.94 15.23
N PRO A 521 4.93 27.81 14.21
CA PRO A 521 3.81 28.76 14.09
C PRO A 521 2.74 28.57 15.13
N VAL A 522 2.45 27.32 15.52
CA VAL A 522 1.51 27.00 16.58
C VAL A 522 2.18 26.05 17.56
N LYS A 523 1.69 26.06 18.80
CA LYS A 523 2.23 25.22 19.85
C LYS A 523 1.59 23.84 19.82
N THR A 524 2.15 22.93 20.60
CA THR A 524 1.70 21.54 20.61
C THR A 524 1.94 20.96 22.00
N ASN A 525 0.83 20.82 22.75
CA ASN A 525 0.94 20.34 24.12
C ASN A 525 -0.31 19.58 24.54
N ASP A 526 -1.48 20.05 24.15
CA ASP A 526 -2.73 19.50 24.66
C ASP A 526 -3.04 18.08 24.13
N GLY A 527 -2.13 17.45 23.40
CA GLY A 527 -2.32 16.09 22.93
C GLY A 527 -3.30 15.94 21.78
N LYS A 528 -3.70 17.03 21.14
CA LYS A 528 -4.63 16.97 20.02
C LYS A 528 -4.00 17.39 18.70
N VAL A 529 -2.70 17.73 18.69
CA VAL A 529 -2.01 18.18 17.49
C VAL A 529 -0.60 17.59 17.49
N PHE A 530 -0.22 16.97 16.38
CA PHE A 530 1.15 16.51 16.15
C PHE A 530 1.73 17.24 14.95
N LEU A 531 3.00 17.63 15.05
CA LEU A 531 3.66 18.44 14.05
C LEU A 531 4.93 17.76 13.53
N VAL A 532 5.07 17.72 12.22
CA VAL A 532 6.28 17.25 11.55
C VAL A 532 6.90 18.45 10.84
N GLN A 533 8.21 18.64 11.03
CA GLN A 533 8.91 19.76 10.44
C GLN A 533 10.12 19.26 9.65
N ILE A 534 10.27 19.75 8.43
CA ILE A 534 11.45 19.54 7.60
C ILE A 534 12.19 20.87 7.51
N CYS A 535 13.48 20.85 7.80
CA CYS A 535 14.21 22.11 7.90
C CYS A 535 15.68 21.87 7.61
N THR A 536 16.49 22.89 7.84
CA THR A 536 17.94 22.83 7.70
C THR A 536 18.69 23.04 8.99
N LYS A 537 18.10 23.72 9.97
CA LYS A 537 18.72 23.98 11.26
C LYS A 537 18.18 23.02 12.31
N GLU A 538 19.08 22.35 13.01
CA GLU A 538 18.68 21.42 14.05
C GLU A 538 17.97 22.16 15.17
N THR A 539 16.74 21.75 15.49
CA THR A 539 15.93 22.42 16.49
C THR A 539 16.15 21.87 17.89
N GLU A 540 16.96 20.83 18.04
CA GLU A 540 17.15 20.14 19.32
C GLU A 540 15.80 19.76 19.92
N ASP A 541 15.21 18.73 19.32
CA ASP A 541 13.84 18.35 19.62
C ASP A 541 13.65 18.05 21.10
N LYS A 542 12.63 18.65 21.70
CA LYS A 542 12.36 18.55 23.13
C LYS A 542 11.07 17.82 23.45
N CYS A 543 9.96 18.23 22.85
CA CYS A 543 8.66 17.65 23.15
C CYS A 543 8.43 16.39 22.32
N VAL A 544 7.64 15.47 22.90
CA VAL A 544 7.37 14.21 22.22
C VAL A 544 6.33 14.38 21.11
N ASN A 545 5.39 15.32 21.26
CA ASN A 545 4.39 15.57 20.21
C ASN A 545 4.99 16.26 18.94
N ARG A 546 6.31 16.28 18.76
CA ARG A 546 6.93 16.89 17.60
C ARG A 546 7.95 15.93 17.00
N LEU A 547 8.42 16.28 15.80
CA LEU A 547 9.43 15.49 15.11
C LEU A 547 10.09 16.41 14.10
N THR A 548 11.30 16.85 14.42
CA THR A 548 12.03 17.81 13.60
C THR A 548 13.16 17.08 12.89
N LEU A 549 13.12 17.09 11.55
CA LEU A 549 14.12 16.41 10.73
C LEU A 549 15.03 17.46 10.11
N CYS A 550 16.30 17.45 10.52
N CYS A 550 16.30 17.44 10.51
CA CYS A 550 17.30 18.39 10.02
CA CYS A 550 17.30 18.39 10.02
C CYS A 550 18.14 17.67 8.97
C CYS A 550 18.15 17.68 8.97
N LEU A 551 18.02 18.12 7.72
CA LEU A 551 18.70 17.48 6.60
C LEU A 551 19.92 18.30 6.16
N ARG A 552 20.83 17.63 5.47
CA ARG A 552 21.97 18.26 4.82
C ARG A 552 21.72 18.32 3.32
N GLU A 553 21.84 19.51 2.75
CA GLU A 553 21.53 19.71 1.34
C GLU A 553 22.51 18.94 0.45
N GLY A 554 21.98 18.24 -0.53
CA GLY A 554 22.80 17.48 -1.44
C GLY A 554 21.96 16.53 -2.28
N GLU A 555 22.67 15.74 -3.09
CA GLU A 555 22.00 14.73 -3.91
C GLU A 555 21.38 13.62 -3.08
N SER A 556 21.77 13.49 -1.81
CA SER A 556 21.23 12.50 -0.91
C SER A 556 20.01 13.00 -0.15
N LEU A 557 19.47 14.17 -0.52
CA LEU A 557 18.34 14.74 0.21
C LEU A 557 17.07 13.95 -0.03
N THR A 558 16.76 13.64 -1.29
CA THR A 558 15.52 12.93 -1.59
C THR A 558 15.57 11.49 -1.07
N ALA A 559 16.75 10.85 -1.13
CA ALA A 559 16.86 9.48 -0.64
C ALA A 559 16.70 9.43 0.87
N GLY A 560 17.19 10.44 1.59
CA GLY A 560 17.02 10.47 3.03
C GLY A 560 15.60 10.83 3.43
N PHE A 561 14.96 11.75 2.70
CA PHE A 561 13.58 12.10 2.99
C PHE A 561 12.66 10.90 2.89
N MET A 562 12.92 10.01 1.92
CA MET A 562 12.07 8.82 1.77
C MET A 562 12.29 7.84 2.91
N GLN A 563 13.53 7.70 3.39
CA GLN A 563 13.78 6.83 4.53
C GLN A 563 13.09 7.37 5.78
N ALA A 564 13.07 8.68 5.96
CA ALA A 564 12.39 9.27 7.10
C ALA A 564 10.87 9.29 6.91
N LEU A 565 10.40 9.31 5.66
CA LEU A 565 8.97 9.30 5.42
C LEU A 565 8.36 7.94 5.71
N LEU A 566 9.05 6.87 5.31
CA LEU A 566 8.55 5.51 5.52
C LEU A 566 8.88 4.96 6.90
N GLY A 567 10.04 5.31 7.47
CA GLY A 567 10.45 4.74 8.73
C GLY A 567 9.99 5.49 9.97
N LEU A 568 9.73 6.78 9.82
CA LEU A 568 9.39 7.63 10.97
C LEU A 568 8.05 8.32 10.81
N ILE A 569 7.85 9.11 9.75
CA ILE A 569 6.68 9.97 9.65
C ILE A 569 5.41 9.15 9.49
N LEU A 570 5.43 8.16 8.61
CA LEU A 570 4.24 7.34 8.40
C LEU A 570 3.87 6.52 9.62
N PRO A 571 4.79 5.83 10.32
CA PRO A 571 4.36 5.07 11.50
C PRO A 571 3.79 5.93 12.61
N VAL A 572 4.34 7.12 12.82
CA VAL A 572 3.79 8.00 13.85
C VAL A 572 2.40 8.47 13.46
N ALA A 573 2.24 8.90 12.20
CA ALA A 573 0.95 9.44 11.76
C ALA A 573 -0.14 8.39 11.77
N TYR A 574 0.21 7.12 11.53
CA TYR A 574 -0.80 6.07 11.52
C TYR A 574 -1.28 5.75 12.93
N GLU A 575 -0.36 5.73 13.89
CA GLU A 575 -0.77 5.52 15.28
C GLU A 575 -1.52 6.73 15.81
N PHE A 576 -1.25 7.92 15.26
CA PHE A 576 -1.91 9.13 15.73
C PHE A 576 -3.37 9.18 15.32
N ASN A 577 -3.71 8.63 14.15
CA ASN A 577 -5.07 8.63 13.59
C ASN A 577 -5.67 10.04 13.55
N PRO A 578 -5.19 10.91 12.68
CA PRO A 578 -5.66 12.30 12.68
C PRO A 578 -7.00 12.45 11.98
N ALA A 579 -7.72 13.51 12.35
CA ALA A 579 -8.95 13.86 11.66
C ALA A 579 -8.71 14.74 10.44
N LEU A 580 -7.53 15.37 10.37
CA LEU A 580 -7.17 16.27 9.28
C LEU A 580 -5.67 16.42 9.25
N VAL A 581 -5.09 16.33 8.06
CA VAL A 581 -3.67 16.59 7.84
C VAL A 581 -3.54 17.99 7.24
N LEU A 582 -2.67 18.82 7.82
CA LEU A 582 -2.47 20.19 7.37
C LEU A 582 -1.04 20.34 6.88
N GLY A 583 -0.87 20.39 5.57
CA GLY A 583 0.45 20.53 4.96
C GLY A 583 0.75 21.98 4.63
N ILE A 584 1.95 22.42 5.00
CA ILE A 584 2.43 23.77 4.71
C ILE A 584 3.86 23.68 4.21
N VAL A 585 4.18 24.47 3.19
CA VAL A 585 5.53 24.55 2.64
C VAL A 585 5.95 26.01 2.58
N GLU A 586 7.13 26.31 3.10
CA GLU A 586 7.66 27.67 3.03
C GLU A 586 8.12 27.99 1.61
N GLU A 587 8.00 29.26 1.24
CA GLU A 587 8.40 29.69 -0.10
C GLU A 587 9.90 29.58 -0.34
N THR A 588 10.70 29.41 0.71
CA THR A 588 12.14 29.23 0.57
C THR A 588 12.45 27.91 -0.16
N THR A 592 13.28 22.95 -6.41
CA THR A 592 13.70 22.64 -5.05
C THR A 592 13.68 21.13 -4.84
N ARG A 593 14.30 20.67 -3.74
CA ARG A 593 14.33 19.24 -3.45
C ARG A 593 12.94 18.70 -3.13
N LEU A 594 12.04 19.55 -2.61
CA LEU A 594 10.67 19.13 -2.37
C LEU A 594 10.00 18.68 -3.66
N MET A 595 10.27 19.39 -4.76
CA MET A 595 9.68 19.05 -6.05
C MET A 595 9.92 17.60 -6.43
N ARG A 596 11.06 17.04 -6.02
CA ARG A 596 11.36 15.65 -6.35
C ARG A 596 10.54 14.68 -5.51
N VAL A 597 10.24 15.03 -4.26
CA VAL A 597 9.68 14.08 -3.32
C VAL A 597 8.28 14.46 -2.84
N TRP A 598 7.90 15.74 -2.87
CA TRP A 598 6.60 16.19 -2.35
C TRP A 598 5.44 15.40 -2.95
N GLY A 599 5.56 14.96 -4.20
CA GLY A 599 4.50 14.17 -4.80
C GLY A 599 4.24 12.87 -4.05
N HIS A 600 5.30 12.17 -3.66
CA HIS A 600 5.13 10.92 -2.93
C HIS A 600 4.65 11.18 -1.51
N MET A 601 5.06 12.29 -0.91
CA MET A 601 4.60 12.63 0.43
C MET A 601 3.10 12.87 0.46
N THR A 602 2.60 13.68 -0.48
CA THR A 602 1.18 14.01 -0.48
C THR A 602 0.30 12.79 -0.74
N CYS A 603 0.81 11.78 -1.45
CA CYS A 603 -0.02 10.62 -1.79
C CYS A 603 -0.04 9.59 -0.66
N LEU A 604 1.11 9.35 -0.02
CA LEU A 604 1.17 8.35 1.04
C LEU A 604 0.46 8.82 2.30
N ILE A 605 0.56 10.12 2.61
CA ILE A 605 -0.07 10.66 3.81
C ILE A 605 -1.59 10.70 3.71
N GLN A 606 -2.15 10.52 2.52
CA GLN A 606 -3.60 10.51 2.39
C GLN A 606 -4.24 9.26 2.99
N GLY A 607 -3.45 8.29 3.44
CA GLY A 607 -4.00 7.18 4.18
C GLY A 607 -4.57 7.58 5.53
N LEU A 608 -4.20 8.75 6.03
CA LEU A 608 -4.73 9.28 7.27
C LEU A 608 -5.90 10.22 7.00
N ALA A 609 -6.76 10.38 8.01
CA ALA A 609 -7.81 11.38 8.01
C ALA A 609 -8.82 11.18 6.89
N ARG A 610 -8.96 9.93 6.40
CA ARG A 610 -9.86 9.61 5.29
C ARG A 610 -9.54 10.45 4.05
N GLY A 611 -8.28 10.86 3.91
CA GLY A 611 -7.87 11.65 2.77
C GLY A 611 -7.98 13.15 2.94
N ARG A 612 -8.72 13.61 3.95
CA ARG A 612 -8.96 15.04 4.15
C ARG A 612 -7.65 15.73 4.50
N MET A 613 -7.00 16.32 3.49
CA MET A 613 -5.76 17.05 3.66
C MET A 613 -5.92 18.45 3.08
N LEU A 614 -5.50 19.47 3.84
CA LEU A 614 -5.47 20.85 3.37
C LEU A 614 -4.02 21.29 3.25
N THR A 615 -3.62 21.72 2.06
CA THR A 615 -2.24 22.10 1.79
C THR A 615 -2.14 23.60 1.60
N LEU A 616 -1.15 24.22 2.24
CA LEU A 616 -0.92 25.66 2.17
C LEU A 616 0.46 25.89 1.55
N LEU A 617 0.48 26.59 0.42
CA LEU A 617 1.73 26.92 -0.27
C LEU A 617 1.92 28.42 -0.23
N GLN A 618 3.07 28.86 0.28
CA GLN A 618 3.46 30.26 0.23
C GLN A 618 4.39 30.48 -0.96
N GLY A 619 4.16 31.58 -1.67
CA GLY A 619 4.89 31.84 -2.90
C GLY A 619 4.43 30.92 -4.01
N TYR A 620 3.88 31.50 -5.08
CA TYR A 620 3.28 30.73 -6.16
C TYR A 620 4.39 30.09 -6.99
N ASP A 621 4.47 28.76 -6.92
CA ASP A 621 5.37 27.95 -7.74
C ASP A 621 4.47 27.09 -8.63
N LYS A 622 4.39 27.43 -9.92
CA LYS A 622 3.45 26.75 -10.80
C LYS A 622 3.73 25.26 -10.90
N ASP A 623 5.01 24.88 -10.93
CA ASP A 623 5.36 23.47 -11.04
C ASP A 623 5.00 22.71 -9.77
N LEU A 624 5.29 23.29 -8.60
CA LEU A 624 4.99 22.62 -7.34
C LEU A 624 3.49 22.67 -7.02
N LEU A 625 2.81 23.75 -7.39
CA LEU A 625 1.37 23.80 -7.20
C LEU A 625 0.66 22.75 -8.05
N GLU A 626 1.10 22.62 -9.31
CA GLU A 626 0.52 21.58 -10.17
C GLU A 626 0.86 20.19 -9.65
N LEU A 627 2.02 20.03 -9.02
CA LEU A 627 2.40 18.73 -8.45
C LEU A 627 1.54 18.40 -7.24
N THR A 628 1.28 19.39 -6.38
CA THR A 628 0.45 19.17 -5.21
C THR A 628 -0.97 18.77 -5.61
N VAL A 629 -1.56 19.51 -6.55
CA VAL A 629 -2.93 19.25 -6.95
C VAL A 629 -3.05 17.89 -7.63
N SER A 630 -2.06 17.53 -8.46
CA SER A 630 -2.11 16.26 -9.18
C SER A 630 -2.08 15.08 -8.23
N ALA A 631 -1.26 15.16 -7.19
CA ALA A 631 -1.19 14.08 -6.20
C ALA A 631 -2.44 14.02 -5.33
N LEU A 632 -3.01 15.19 -5.01
CA LEU A 632 -4.27 15.19 -4.28
C LEU A 632 -5.41 14.67 -5.13
N SER A 633 -5.38 14.91 -6.44
CA SER A 633 -6.45 14.48 -7.32
C SER A 633 -6.51 12.97 -7.50
N GLY A 634 -5.46 12.25 -7.13
CA GLY A 634 -5.39 10.82 -7.34
C GLY A 634 -4.66 10.38 -8.59
N ALA A 635 -4.02 11.31 -9.30
CA ALA A 635 -3.28 10.96 -10.48
C ALA A 635 -2.08 10.08 -10.13
N SER A 636 -1.61 9.34 -11.14
CA SER A 636 -0.43 8.51 -10.96
C SER A 636 0.80 9.37 -10.68
N ILE A 637 1.69 8.84 -9.84
CA ILE A 637 2.84 9.57 -9.34
C ILE A 637 4.10 9.05 -10.02
N SER A 638 4.96 9.97 -10.46
CA SER A 638 6.16 9.58 -11.17
C SER A 638 7.11 8.84 -10.23
N PRO A 639 7.83 7.83 -10.71
CA PRO A 639 8.80 7.14 -9.87
C PRO A 639 9.98 8.05 -9.52
N LEU A 640 10.66 7.68 -8.44
CA LEU A 640 11.84 8.41 -8.00
C LEU A 640 13.13 7.85 -8.57
N GLY A 641 13.08 6.71 -9.26
CA GLY A 641 14.28 6.05 -9.71
C GLY A 641 15.00 5.39 -8.54
N PRO A 642 15.95 4.51 -8.85
CA PRO A 642 16.71 3.81 -7.80
C PRO A 642 17.57 4.77 -6.96
N ARG A 644 20.00 6.32 -3.98
CA ARG A 644 19.31 5.42 -3.05
C ARG A 644 20.22 5.03 -1.88
N ALA A 645 20.90 6.03 -1.32
CA ALA A 645 21.79 5.82 -0.18
C ALA A 645 21.88 7.11 0.62
N PRO A 646 21.35 7.14 1.85
CA PRO A 646 21.37 8.37 2.64
C PRO A 646 22.71 8.55 3.35
N LYS A 647 23.01 9.81 3.66
CA LYS A 647 24.24 10.13 4.35
C LYS A 647 24.23 9.55 5.76
N PRO A 648 25.38 9.09 6.27
CA PRO A 648 25.41 8.54 7.63
C PRO A 648 24.98 9.54 8.69
N GLU A 649 25.20 10.83 8.47
CA GLU A 649 24.72 11.83 9.42
C GLU A 649 23.20 11.90 9.43
N ASP A 650 22.55 11.50 8.33
CA ASP A 650 21.10 11.54 8.27
C ASP A 650 20.48 10.37 9.03
N VAL A 651 20.92 9.14 8.71
CA VAL A 651 20.36 7.99 9.40
C VAL A 651 20.73 7.99 10.88
N GLU A 652 21.86 8.61 11.24
CA GLU A 652 22.17 8.77 12.66
C GLU A 652 21.16 9.70 13.33
N MET A 653 20.72 10.73 12.62
CA MET A 653 19.77 11.68 13.17
C MET A 653 18.39 11.06 13.30
N MET A 654 18.03 10.15 12.38
CA MET A 654 16.68 9.59 12.41
C MET A 654 16.53 8.53 13.49
N GLU A 655 17.50 7.61 13.60
CA GLU A 655 17.43 6.63 14.68
C GLU A 655 17.55 7.30 16.04
N LYS A 656 18.26 8.44 16.11
CA LYS A 656 18.22 9.24 17.32
C LYS A 656 16.80 9.75 17.58
N GLN A 657 16.09 10.15 16.51
CA GLN A 657 14.70 10.56 16.67
C GLN A 657 13.80 9.36 16.97
N ARG A 658 14.13 8.19 16.43
CA ARG A 658 13.32 7.01 16.69
C ARG A 658 13.41 6.58 18.15
N GLN A 659 14.63 6.39 18.66
CA GLN A 659 14.81 6.03 20.06
C GLN A 659 14.14 7.06 20.97
N ARG A 660 14.23 8.34 20.60
CA ARG A 660 13.59 9.38 21.40
C ARG A 660 12.08 9.26 21.40
N LEU A 661 11.51 8.70 20.33
CA LEU A 661 10.06 8.71 20.15
C LEU A 661 9.41 7.33 20.27
N GLN A 662 10.15 6.25 20.04
CA GLN A 662 9.56 4.92 19.92
C GLN A 662 8.89 4.44 21.20
N GLU A 663 9.04 5.14 22.33
CA GLU A 663 8.36 4.72 23.54
C GLU A 663 6.90 5.18 23.53
N ARG A 664 6.65 6.44 23.18
CA ARG A 664 5.27 6.90 23.07
C ARG A 664 4.60 6.33 21.83
N TRP A 665 5.32 6.31 20.70
CA TRP A 665 4.78 5.85 19.42
C TRP A 665 5.41 4.50 19.10
N GLY A 666 4.72 3.43 19.48
CA GLY A 666 5.26 2.09 19.36
C GLY A 666 5.40 1.59 17.94
N LEU A 667 4.65 2.17 17.00
CA LEU A 667 4.75 1.75 15.61
C LEU A 667 6.09 2.08 15.00
N LEU A 668 6.91 2.90 15.67
CA LEU A 668 8.28 3.17 15.22
C LEU A 668 9.22 2.02 15.52
N ARG A 669 8.89 1.14 16.47
CA ARG A 669 9.80 0.09 16.88
C ARG A 669 9.96 -0.95 15.78
N CYS A 670 11.21 -1.23 15.41
CA CYS A 670 11.54 -2.34 14.52
C CYS A 670 12.47 -3.34 15.19
N THR A 671 12.55 -3.31 16.52
CA THR A 671 13.28 -4.30 17.31
C THR A 671 12.47 -4.59 18.57
N VAL A 672 12.63 -5.81 19.10
CA VAL A 672 11.95 -6.14 20.33
C VAL A 672 12.57 -5.34 21.48
N SER A 673 11.71 -4.74 22.30
CA SER A 673 12.17 -3.80 23.32
C SER A 673 13.00 -4.51 24.38
N GLU A 674 14.17 -3.96 24.67
CA GLU A 674 15.06 -4.51 25.71
C GLU A 674 14.45 -4.22 27.08
N SER A 675 13.81 -5.22 27.66
CA SER A 675 13.15 -5.04 28.93
C SER A 675 14.18 -4.77 30.04
N TRP A 676 13.87 -3.80 30.89
CA TRP A 676 14.74 -3.36 31.97
C TRP A 676 15.19 -4.50 32.89
#